data_1SUT
#
_entry.id   1SUT
#
_cell.length_a   1.000
_cell.length_b   1.000
_cell.length_c   1.000
_cell.angle_alpha   90.00
_cell.angle_beta   90.00
_cell.angle_gamma   90.00
#
_symmetry.space_group_name_H-M   'P 1'
#
_entity_poly.entity_id   1
_entity_poly.type   'polypeptide(L)'
_entity_poly.pdbx_seq_one_letter_code
;PQNAKLKIKRPVKVQPIARRVY
;
_entity_poly.pdbx_strand_id   A
#
# COMPACT_ATOMS: atom_id res chain seq x y z
N PRO A 1 -7.35 8.01 -2.32
CA PRO A 1 -6.06 8.74 -2.20
C PRO A 1 -5.19 8.45 -3.48
N GLN A 2 -3.87 8.13 -3.38
CA GLN A 2 -2.97 7.96 -4.56
C GLN A 2 -2.95 6.45 -4.95
N ASN A 3 -4.02 5.99 -5.67
CA ASN A 3 -4.11 4.66 -6.36
C ASN A 3 -4.36 3.52 -5.33
N ALA A 4 -5.62 3.00 -5.24
CA ALA A 4 -6.00 1.75 -4.50
C ALA A 4 -5.80 1.86 -2.96
N LYS A 5 -6.75 2.53 -2.25
CA LYS A 5 -6.73 2.75 -0.76
C LYS A 5 -5.84 4.00 -0.42
N LEU A 6 -4.52 3.85 -0.11
CA LEU A 6 -3.73 4.91 0.59
C LEU A 6 -2.65 5.42 -0.42
N LYS A 7 -1.39 4.90 -0.41
CA LYS A 7 -0.30 5.39 -1.28
C LYS A 7 0.27 4.15 -2.03
N ILE A 8 -0.33 3.81 -3.20
CA ILE A 8 0.15 2.73 -4.16
C ILE A 8 -0.19 1.34 -3.51
N LYS A 9 -1.45 0.83 -3.61
CA LYS A 9 -1.86 -0.54 -3.14
C LYS A 9 -1.87 -0.59 -1.57
N ARG A 10 -3.04 -0.33 -0.93
CA ARG A 10 -3.28 -0.62 0.54
C ARG A 10 -2.51 0.40 1.47
N PRO A 11 -1.63 0.15 2.52
CA PRO A 11 -0.56 1.13 2.89
C PRO A 11 0.59 1.20 1.80
N VAL A 12 1.83 1.61 2.14
CA VAL A 12 2.81 2.24 1.21
C VAL A 12 3.45 1.11 0.31
N LYS A 13 3.04 0.97 -0.98
CA LYS A 13 3.81 0.25 -2.05
C LYS A 13 3.52 -1.29 -1.97
N VAL A 14 2.39 -1.77 -2.56
CA VAL A 14 2.18 -3.24 -2.87
C VAL A 14 1.67 -3.92 -1.54
N GLN A 15 0.37 -3.83 -1.20
CA GLN A 15 -0.21 -4.34 0.10
C GLN A 15 -0.03 -3.35 1.32
N PRO A 16 0.29 -3.76 2.61
CA PRO A 16 1.13 -2.93 3.53
C PRO A 16 2.63 -2.80 3.11
N ILE A 17 3.55 -2.21 3.95
CA ILE A 17 4.67 -1.34 3.47
C ILE A 17 5.70 -2.29 2.71
N ALA A 18 5.73 -2.19 1.36
CA ALA A 18 6.71 -2.90 0.46
C ALA A 18 6.45 -4.44 0.35
N ARG A 19 5.30 -4.88 -0.24
CA ARG A 19 4.97 -6.35 -0.36
C ARG A 19 4.24 -6.99 0.86
N ARG A 20 3.06 -6.43 1.24
CA ARG A 20 2.10 -6.99 2.25
C ARG A 20 2.71 -6.83 3.68
N VAL A 21 3.28 -7.89 4.33
CA VAL A 21 3.66 -7.88 5.80
C VAL A 21 5.14 -7.34 5.86
N TYR A 22 5.35 -5.99 5.76
CA TYR A 22 6.64 -5.28 5.93
C TYR A 22 6.78 -4.92 7.42
N PRO A 1 -6.97 7.77 -2.39
CA PRO A 1 -5.60 8.03 -1.91
C PRO A 1 -4.72 8.70 -3.02
N GLN A 2 -3.44 8.28 -3.06
CA GLN A 2 -2.60 8.26 -4.29
C GLN A 2 -2.73 6.82 -4.91
N ASN A 3 -3.89 6.54 -5.57
CA ASN A 3 -4.20 5.28 -6.31
C ASN A 3 -4.55 4.14 -5.30
N ALA A 4 -5.86 3.79 -5.18
CA ALA A 4 -6.38 2.53 -4.55
C ALA A 4 -6.18 2.45 -3.00
N LYS A 5 -7.05 3.17 -2.25
CA LYS A 5 -7.09 3.30 -0.76
C LYS A 5 -6.12 4.44 -0.31
N LEU A 6 -4.82 4.15 0.00
CA LEU A 6 -3.92 5.07 0.76
C LEU A 6 -2.82 5.47 -0.25
N LYS A 7 -1.66 4.77 -0.33
CA LYS A 7 -0.59 5.03 -1.33
C LYS A 7 -0.32 3.64 -2.00
N ILE A 8 -0.99 3.34 -3.14
CA ILE A 8 -0.65 2.20 -4.07
C ILE A 8 -1.17 0.85 -3.42
N LYS A 9 -2.49 0.55 -3.57
CA LYS A 9 -3.13 -0.78 -3.25
C LYS A 9 -3.20 -1.03 -1.71
N ARG A 10 -4.33 -0.65 -1.05
CA ARG A 10 -4.61 -0.88 0.42
C ARG A 10 -3.55 -0.07 1.33
N PRO A 11 -2.72 -0.48 2.37
CA PRO A 11 -1.55 0.34 2.86
C PRO A 11 -0.42 0.67 1.79
N VAL A 12 0.82 1.05 2.22
CA VAL A 12 1.89 1.69 1.38
C VAL A 12 2.56 0.55 0.52
N LYS A 13 2.34 0.54 -0.82
CA LYS A 13 3.05 -0.33 -1.82
C LYS A 13 2.76 -1.85 -1.58
N VAL A 14 1.58 -2.33 -2.04
CA VAL A 14 1.19 -3.80 -2.13
C VAL A 14 0.89 -4.29 -0.66
N GLN A 15 -0.32 -3.99 -0.10
CA GLN A 15 -0.79 -4.42 1.27
C GLN A 15 -0.03 -3.55 2.41
N PRO A 16 0.44 -4.02 3.63
CA PRO A 16 1.43 -3.25 4.49
C PRO A 16 2.84 -2.98 3.82
N ILE A 17 3.78 -2.29 4.54
CA ILE A 17 4.77 -1.33 3.95
C ILE A 17 5.87 -2.14 3.17
N ALA A 18 5.89 -2.01 1.81
CA ALA A 18 6.98 -2.50 0.89
C ALA A 18 6.97 -4.05 0.72
N ARG A 19 5.97 -4.58 -0.06
CA ARG A 19 5.78 -6.04 -0.36
C ARG A 19 5.18 -6.85 0.86
N ARG A 20 4.02 -6.40 1.41
CA ARG A 20 3.27 -6.98 2.56
C ARG A 20 4.02 -6.73 3.91
N VAL A 21 4.57 -7.71 4.67
CA VAL A 21 4.82 -7.56 6.15
C VAL A 21 6.18 -6.83 6.41
N TYR A 22 6.21 -5.48 6.27
CA TYR A 22 7.37 -4.57 6.56
C TYR A 22 7.29 -4.18 8.05
N PRO A 1 -6.84 9.03 -1.00
CA PRO A 1 -5.44 9.51 -1.07
C PRO A 1 -4.76 8.98 -2.37
N GLN A 2 -3.53 8.41 -2.36
CA GLN A 2 -2.77 8.06 -3.59
C GLN A 2 -3.06 6.57 -3.97
N ASN A 3 -4.26 6.32 -4.59
CA ASN A 3 -4.66 5.04 -5.27
C ASN A 3 -5.00 3.95 -4.21
N ALA A 4 -6.32 3.67 -4.00
CA ALA A 4 -6.86 2.61 -3.09
C ALA A 4 -6.54 2.87 -1.57
N LYS A 5 -7.30 3.80 -0.95
CA LYS A 5 -7.26 4.13 0.51
C LYS A 5 -6.07 5.09 0.83
N LEU A 6 -4.83 4.59 1.06
CA LEU A 6 -3.75 5.38 1.71
C LEU A 6 -2.67 5.59 0.60
N LYS A 7 -1.59 4.78 0.47
CA LYS A 7 -0.57 4.92 -0.60
C LYS A 7 -0.42 3.50 -1.26
N ILE A 8 -1.20 3.25 -2.34
CA ILE A 8 -1.03 2.08 -3.28
C ILE A 8 -1.57 0.78 -2.56
N LYS A 9 -2.92 0.57 -2.57
CA LYS A 9 -3.61 -0.66 -2.05
C LYS A 9 -3.49 -0.72 -0.49
N ARG A 10 -4.47 -0.13 0.24
CA ARG A 10 -4.58 -0.16 1.75
C ARG A 10 -3.34 0.63 2.41
N PRO A 11 -2.47 0.28 3.46
CA PRO A 11 -1.21 1.05 3.74
C PRO A 11 -0.14 1.04 2.59
N VAL A 12 1.17 1.28 2.87
CA VAL A 12 2.21 1.74 1.89
C VAL A 12 2.64 0.49 1.05
N LYS A 13 2.29 0.45 -0.26
CA LYS A 13 2.83 -0.53 -1.29
C LYS A 13 2.37 -2.00 -0.98
N VAL A 14 1.09 -2.33 -1.35
CA VAL A 14 0.54 -3.73 -1.39
C VAL A 14 0.23 -4.17 0.09
N GLN A 15 -0.93 -3.76 0.67
CA GLN A 15 -1.49 -4.28 1.97
C GLN A 15 -0.72 -3.56 3.20
N PRO A 16 -0.09 -4.14 4.31
CA PRO A 16 0.93 -3.40 5.13
C PRO A 16 2.28 -3.07 4.36
N ILE A 17 3.29 -2.47 5.06
CA ILE A 17 4.41 -1.65 4.46
C ILE A 17 5.36 -2.63 3.69
N ALA A 18 5.41 -2.49 2.34
CA ALA A 18 6.45 -3.09 1.43
C ALA A 18 6.30 -4.62 1.23
N ARG A 19 5.21 -5.05 0.52
CA ARG A 19 4.92 -6.48 0.16
C ARG A 19 4.40 -7.32 1.38
N ARG A 20 3.28 -6.89 2.05
CA ARG A 20 2.73 -7.50 3.30
C ARG A 20 3.52 -6.92 4.54
N VAL A 21 4.51 -7.61 5.15
CA VAL A 21 4.60 -7.77 6.64
C VAL A 21 5.22 -6.53 7.38
N TYR A 22 4.41 -5.48 7.65
CA TYR A 22 4.73 -4.45 8.68
C TYR A 22 4.20 -4.95 10.04
N PRO A 1 -6.90 9.24 -1.85
CA PRO A 1 -5.47 9.48 -1.56
C PRO A 1 -4.60 9.18 -2.83
N GLN A 2 -3.39 8.55 -2.72
CA GLN A 2 -2.50 8.24 -3.88
C GLN A 2 -2.80 6.78 -4.37
N ASN A 3 -3.89 6.59 -5.14
CA ASN A 3 -4.20 5.34 -5.92
C ASN A 3 -4.69 4.21 -4.97
N ALA A 4 -6.02 3.92 -4.96
CA ALA A 4 -6.65 2.75 -4.25
C ALA A 4 -6.55 2.83 -2.70
N LYS A 5 -7.43 3.65 -2.06
CA LYS A 5 -7.62 3.74 -0.57
C LYS A 5 -6.56 4.72 0.02
N LEU A 6 -5.31 4.31 0.39
CA LEU A 6 -4.30 5.22 1.03
C LEU A 6 -3.12 5.44 0.02
N LYS A 7 -1.98 4.70 0.07
CA LYS A 7 -0.75 5.01 -0.73
C LYS A 7 -0.35 3.71 -1.49
N ILE A 8 -0.93 3.49 -2.70
CA ILE A 8 -0.56 2.38 -3.66
C ILE A 8 -1.12 1.02 -3.09
N LYS A 9 -2.43 0.72 -3.31
CA LYS A 9 -3.13 -0.55 -2.88
C LYS A 9 -3.22 -0.61 -1.32
N ARG A 10 -4.33 -0.04 -0.76
CA ARG A 10 -4.68 -0.09 0.70
C ARG A 10 -3.61 0.65 1.62
N PRO A 11 -2.99 0.23 2.79
CA PRO A 11 -1.74 0.88 3.33
C PRO A 11 -0.53 1.00 2.31
N VAL A 12 0.71 1.32 2.78
CA VAL A 12 1.83 1.89 1.95
C VAL A 12 2.44 0.70 1.13
N LYS A 13 2.31 0.68 -0.22
CA LYS A 13 3.05 -0.26 -1.14
C LYS A 13 2.55 -1.75 -1.02
N VAL A 14 1.31 -2.03 -1.53
CA VAL A 14 0.72 -3.42 -1.69
C VAL A 14 0.32 -3.91 -0.25
N GLN A 15 -0.86 -3.47 0.29
CA GLN A 15 -1.35 -3.80 1.69
C GLN A 15 -0.45 -3.03 2.80
N PRO A 16 0.01 -3.51 4.03
CA PRO A 16 1.06 -2.77 4.83
C PRO A 16 2.47 -2.63 4.14
N ILE A 17 3.53 -2.13 4.84
CA ILE A 17 4.68 -1.37 4.25
C ILE A 17 5.52 -2.39 3.37
N ALA A 18 5.65 -2.16 2.03
CA ALA A 18 6.75 -2.74 1.18
C ALA A 18 6.58 -4.27 0.91
N ARG A 19 5.58 -4.67 0.08
CA ARG A 19 5.29 -6.10 -0.31
C ARG A 19 4.60 -6.92 0.84
N ARG A 20 3.44 -6.44 1.37
CA ARG A 20 2.62 -7.06 2.46
C ARG A 20 3.24 -6.68 3.85
N VAL A 21 3.87 -7.57 4.66
CA VAL A 21 3.94 -7.39 6.16
C VAL A 21 5.28 -6.62 6.53
N TYR A 22 5.41 -5.32 6.14
CA TYR A 22 5.91 -4.26 7.08
C TYR A 22 4.74 -3.40 7.56
N PRO A 1 -6.34 9.20 -2.82
CA PRO A 1 -4.90 9.42 -2.55
C PRO A 1 -4.05 9.01 -3.80
N GLN A 2 -2.87 8.35 -3.66
CA GLN A 2 -1.99 7.95 -4.81
C GLN A 2 -2.31 6.47 -5.21
N ASN A 3 -3.42 6.24 -5.97
CA ASN A 3 -3.74 4.96 -6.67
C ASN A 3 -4.24 3.88 -5.67
N ALA A 4 -5.57 3.60 -5.65
CA ALA A 4 -6.22 2.50 -4.87
C ALA A 4 -6.13 2.66 -3.32
N LYS A 5 -6.99 3.55 -2.76
CA LYS A 5 -7.17 3.80 -1.29
C LYS A 5 -6.09 4.81 -0.78
N LEU A 6 -4.87 4.39 -0.37
CA LEU A 6 -3.87 5.28 0.28
C LEU A 6 -2.66 5.42 -0.70
N LYS A 7 -1.58 4.61 -0.60
CA LYS A 7 -0.32 4.81 -1.39
C LYS A 7 -0.01 3.46 -2.11
N ILE A 8 -0.63 3.21 -3.30
CA ILE A 8 -0.33 2.05 -4.21
C ILE A 8 -0.91 0.75 -3.55
N LYS A 9 -2.24 0.48 -3.71
CA LYS A 9 -2.96 -0.75 -3.23
C LYS A 9 -3.01 -0.78 -1.67
N ARG A 10 -4.09 -0.21 -1.06
CA ARG A 10 -4.41 -0.28 0.41
C ARG A 10 -3.35 0.56 1.26
N PRO A 11 -2.51 0.21 2.32
CA PRO A 11 -1.37 1.09 2.77
C PRO A 11 -0.18 1.20 1.74
N VAL A 12 1.07 1.52 2.17
CA VAL A 12 2.21 2.00 1.32
C VAL A 12 2.81 0.73 0.59
N LYS A 13 2.62 0.63 -0.74
CA LYS A 13 3.32 -0.34 -1.66
C LYS A 13 2.93 -1.83 -1.35
N VAL A 14 1.71 -2.25 -1.78
CA VAL A 14 1.21 -3.68 -1.75
C VAL A 14 0.84 -4.01 -0.25
N GLN A 15 -0.36 -3.59 0.24
CA GLN A 15 -0.93 -3.94 1.60
C GLN A 15 -0.16 -3.16 2.77
N PRO A 16 0.32 -3.66 3.98
CA PRO A 16 1.32 -2.90 4.81
C PRO A 16 2.74 -2.70 4.15
N ILE A 17 3.69 -2.01 4.84
CA ILE A 17 4.70 -1.09 4.23
C ILE A 17 5.79 -1.97 3.53
N ALA A 18 5.91 -1.84 2.18
CA ALA A 18 7.03 -2.40 1.34
C ALA A 18 6.91 -3.94 1.14
N ARG A 19 5.96 -4.39 0.27
CA ARG A 19 5.78 -5.83 -0.14
C ARG A 19 5.10 -6.71 0.97
N ARG A 20 3.90 -6.31 1.47
CA ARG A 20 3.06 -7.05 2.47
C ARG A 20 3.61 -6.73 3.91
N VAL A 21 4.20 -7.67 4.70
CA VAL A 21 4.27 -7.54 6.20
C VAL A 21 5.65 -6.86 6.55
N TYR A 22 5.77 -5.51 6.39
CA TYR A 22 6.88 -4.65 6.93
C TYR A 22 6.47 -4.20 8.34
N PRO A 1 -7.10 6.82 -3.25
CA PRO A 1 -5.76 7.16 -2.77
C PRO A 1 -4.89 7.90 -3.84
N GLN A 2 -3.57 7.61 -3.85
CA GLN A 2 -2.71 7.53 -5.06
C GLN A 2 -2.65 6.04 -5.51
N ASN A 3 -3.70 5.55 -6.21
CA ASN A 3 -3.78 4.20 -6.87
C ASN A 3 -4.02 3.07 -5.83
N ALA A 4 -5.26 2.53 -5.77
CA ALA A 4 -5.69 1.35 -4.94
C ALA A 4 -5.65 1.62 -3.41
N LYS A 5 -6.67 2.35 -2.89
CA LYS A 5 -6.93 2.59 -1.43
C LYS A 5 -6.07 3.79 -0.94
N LEU A 6 -4.77 3.62 -0.57
CA LEU A 6 -3.87 4.77 -0.24
C LEU A 6 -2.78 4.83 -1.35
N LYS A 7 -1.48 4.48 -1.17
CA LYS A 7 -0.39 4.89 -2.11
C LYS A 7 0.21 3.58 -2.72
N ILE A 8 -0.42 3.09 -3.81
CA ILE A 8 0.12 1.97 -4.70
C ILE A 8 -0.11 0.62 -3.94
N LYS A 9 -1.33 0.02 -4.01
CA LYS A 9 -1.71 -1.26 -3.34
C LYS A 9 -1.85 -1.09 -1.81
N ARG A 10 -3.09 -0.80 -1.32
CA ARG A 10 -3.49 -0.85 0.13
C ARG A 10 -2.85 0.37 0.94
N PRO A 11 -2.21 0.32 2.15
CA PRO A 11 -0.99 1.12 2.51
C PRO A 11 0.15 1.32 1.42
N VAL A 12 1.38 1.68 1.86
CA VAL A 12 2.50 2.29 1.06
C VAL A 12 3.18 1.16 0.22
N LYS A 13 3.10 1.14 -1.14
CA LYS A 13 4.05 0.38 -2.03
C LYS A 13 3.79 -1.15 -1.86
N VAL A 14 2.77 -1.77 -2.51
CA VAL A 14 2.59 -3.28 -2.46
C VAL A 14 2.04 -3.73 -1.07
N GLN A 15 0.74 -3.63 -0.90
CA GLN A 15 0.00 -4.17 0.27
C GLN A 15 0.05 -3.23 1.56
N PRO A 16 0.42 -3.75 2.79
CA PRO A 16 1.37 -3.05 3.72
C PRO A 16 2.84 -2.87 3.21
N ILE A 17 3.78 -2.25 3.97
CA ILE A 17 4.87 -1.35 3.43
C ILE A 17 5.89 -2.24 2.62
N ALA A 18 5.91 -2.16 1.26
CA ALA A 18 7.00 -2.78 0.44
C ALA A 18 6.91 -4.32 0.29
N ARG A 19 5.99 -4.83 -0.57
CA ARG A 19 5.84 -6.27 -1.00
C ARG A 19 5.01 -7.12 0.03
N ARG A 20 3.75 -6.71 0.34
CA ARG A 20 2.80 -7.35 1.30
C ARG A 20 3.29 -7.08 2.78
N VAL A 21 3.87 -8.04 3.54
CA VAL A 21 4.09 -7.96 5.04
C VAL A 21 5.53 -7.39 5.27
N TYR A 22 5.73 -6.04 5.18
CA TYR A 22 6.99 -5.31 5.55
C TYR A 22 6.94 -4.99 7.05
N PRO A 1 -5.79 8.57 -1.56
CA PRO A 1 -4.52 9.24 -1.90
C PRO A 1 -3.90 8.63 -3.20
N GLN A 2 -2.62 8.19 -3.24
CA GLN A 2 -1.86 7.87 -4.49
C GLN A 2 -2.14 6.39 -4.94
N ASN A 3 -3.30 6.18 -5.61
CA ASN A 3 -3.67 4.91 -6.34
C ASN A 3 -4.15 3.80 -5.37
N ALA A 4 -5.47 3.55 -5.32
CA ALA A 4 -6.14 2.42 -4.59
C ALA A 4 -6.00 2.50 -3.04
N LYS A 5 -6.81 3.40 -2.41
CA LYS A 5 -6.92 3.63 -0.94
C LYS A 5 -5.78 4.61 -0.49
N LEU A 6 -4.59 4.14 -0.03
CA LEU A 6 -3.57 5.01 0.62
C LEU A 6 -2.44 5.21 -0.44
N LYS A 7 -1.31 4.45 -0.46
CA LYS A 7 -0.20 4.67 -1.43
C LYS A 7 0.05 3.29 -2.12
N ILE A 8 -0.63 3.04 -3.26
CA ILE A 8 -0.36 1.90 -4.23
C ILE A 8 -0.90 0.57 -3.56
N LYS A 9 -2.23 0.30 -3.65
CA LYS A 9 -2.92 -0.94 -3.13
C LYS A 9 -2.89 -0.98 -1.57
N ARG A 10 -3.93 -0.41 -0.90
CA ARG A 10 -4.12 -0.41 0.59
C ARG A 10 -2.92 0.35 1.33
N PRO A 11 -2.12 0.02 2.43
CA PRO A 11 -0.89 0.80 2.80
C PRO A 11 0.24 0.83 1.71
N VAL A 12 1.54 1.05 2.04
CA VAL A 12 2.60 1.52 1.08
C VAL A 12 3.03 0.28 0.23
N LYS A 13 2.66 0.26 -1.08
CA LYS A 13 3.16 -0.70 -2.13
C LYS A 13 2.73 -2.18 -1.85
N VAL A 14 1.44 -2.51 -2.18
CA VAL A 14 0.90 -3.93 -2.30
C VAL A 14 0.64 -4.45 -0.84
N GLN A 15 -0.53 -4.07 -0.22
CA GLN A 15 -0.95 -4.49 1.17
C GLN A 15 -0.03 -3.78 2.28
N PRO A 16 0.67 -4.30 3.37
CA PRO A 16 1.66 -3.50 4.17
C PRO A 16 2.97 -3.11 3.38
N ILE A 17 4.02 -2.60 4.07
CA ILE A 17 5.16 -1.80 3.52
C ILE A 17 6.06 -2.72 2.62
N ALA A 18 6.06 -2.47 1.28
CA ALA A 18 7.08 -2.96 0.30
C ALA A 18 6.95 -4.49 0.00
N ARG A 19 5.86 -4.91 -0.70
CA ARG A 19 5.57 -6.33 -1.09
C ARG A 19 5.07 -7.19 0.14
N ARG A 20 3.98 -6.76 0.86
CA ARG A 20 3.46 -7.43 2.09
C ARG A 20 4.31 -6.94 3.32
N VAL A 21 5.35 -7.66 3.78
CA VAL A 21 5.55 -8.07 5.22
C VAL A 21 6.17 -6.88 6.05
N TYR A 22 5.30 -5.95 6.55
CA TYR A 22 5.71 -4.91 7.55
C TYR A 22 5.59 -5.53 8.96
N PRO A 1 -6.45 8.96 -2.86
CA PRO A 1 -5.03 9.23 -2.54
C PRO A 1 -4.13 8.96 -3.80
N GLN A 2 -2.92 8.35 -3.67
CA GLN A 2 -1.99 8.07 -4.81
C GLN A 2 -2.25 6.61 -5.31
N ASN A 3 -3.34 6.40 -6.12
CA ASN A 3 -3.63 5.15 -6.89
C ASN A 3 -4.15 4.01 -5.95
N ALA A 4 -5.48 3.73 -5.98
CA ALA A 4 -6.13 2.54 -5.34
C ALA A 4 -6.05 2.55 -3.78
N LYS A 5 -6.92 3.34 -3.10
CA LYS A 5 -7.08 3.41 -1.61
C LYS A 5 -6.03 4.43 -1.05
N LEU A 6 -4.78 4.02 -0.68
CA LEU A 6 -3.78 4.93 -0.04
C LEU A 6 -2.62 5.16 -1.06
N LYS A 7 -1.48 4.42 -1.05
CA LYS A 7 -0.29 4.71 -1.90
C LYS A 7 0.06 3.39 -2.64
N ILE A 8 -0.54 3.19 -3.84
CA ILE A 8 -0.16 2.12 -4.85
C ILE A 8 -0.68 0.73 -4.30
N LYS A 9 -2.00 0.41 -4.50
CA LYS A 9 -2.66 -0.87 -4.08
C LYS A 9 -2.73 -0.95 -2.51
N ARG A 10 -3.82 -0.40 -1.93
CA ARG A 10 -4.14 -0.44 -0.46
C ARG A 10 -3.06 0.31 0.45
N PRO A 11 -2.42 -0.09 1.62
CA PRO A 11 -1.17 0.58 2.14
C PRO A 11 0.04 0.71 1.12
N VAL A 12 1.28 1.04 1.57
CA VAL A 12 2.37 1.64 0.72
C VAL A 12 3.01 0.47 -0.11
N LYS A 13 2.70 0.37 -1.44
CA LYS A 13 3.49 -0.41 -2.45
C LYS A 13 3.09 -1.93 -2.40
N VAL A 14 1.87 -2.30 -2.85
CA VAL A 14 1.36 -3.72 -2.95
C VAL A 14 0.96 -4.15 -1.48
N GLN A 15 -0.25 -3.79 -0.99
CA GLN A 15 -0.78 -4.14 0.39
C GLN A 15 0.01 -3.35 1.55
N PRO A 16 0.40 -3.87 2.79
CA PRO A 16 1.44 -3.21 3.67
C PRO A 16 2.87 -3.06 3.06
N ILE A 17 3.85 -2.48 3.82
CA ILE A 17 4.97 -1.65 3.28
C ILE A 17 5.93 -2.62 2.46
N ALA A 18 6.11 -2.38 1.14
CA ALA A 18 7.25 -2.89 0.31
C ALA A 18 7.16 -4.41 0.02
N ARG A 19 6.22 -4.85 -0.85
CA ARG A 19 6.04 -6.29 -1.28
C ARG A 19 5.37 -7.19 -0.18
N ARG A 20 4.16 -6.81 0.31
CA ARG A 20 3.37 -7.50 1.38
C ARG A 20 3.89 -7.05 2.79
N VAL A 21 4.53 -7.87 3.66
CA VAL A 21 4.57 -7.61 5.15
C VAL A 21 5.84 -6.77 5.59
N TYR A 22 5.91 -5.48 5.21
CA TYR A 22 6.29 -4.39 6.16
C TYR A 22 5.05 -3.61 6.59
N PRO A 1 -6.56 9.11 -1.74
CA PRO A 1 -5.60 8.09 -2.19
C PRO A 1 -4.68 8.62 -3.35
N GLN A 2 -3.41 8.17 -3.31
CA GLN A 2 -2.55 7.99 -4.52
C GLN A 2 -2.70 6.50 -4.97
N ASN A 3 -3.84 6.20 -5.67
CA ASN A 3 -4.17 4.86 -6.27
C ASN A 3 -4.62 3.86 -5.17
N ALA A 4 -5.95 3.58 -5.08
CA ALA A 4 -6.55 2.48 -4.25
C ALA A 4 -6.41 2.69 -2.70
N LYS A 5 -7.25 3.57 -2.12
CA LYS A 5 -7.38 3.85 -0.66
C LYS A 5 -6.31 4.91 -0.21
N LEU A 6 -5.05 4.52 0.15
CA LEU A 6 -4.10 5.42 0.86
C LEU A 6 -2.94 5.70 -0.13
N LYS A 7 -1.79 4.97 -0.11
CA LYS A 7 -0.66 5.17 -1.06
C LYS A 7 -0.35 3.77 -1.66
N ILE A 8 -0.94 3.43 -2.83
CA ILE A 8 -0.57 2.24 -3.69
C ILE A 8 -1.14 0.95 -2.99
N LYS A 9 -2.46 0.64 -3.16
CA LYS A 9 -3.14 -0.60 -2.66
C LYS A 9 -3.22 -0.61 -1.11
N ARG A 10 -4.34 -0.07 -0.53
CA ARG A 10 -4.71 -0.18 0.92
C ARG A 10 -3.67 0.65 1.81
N PRO A 11 -2.84 0.27 2.87
CA PRO A 11 -1.70 1.14 3.35
C PRO A 11 -0.53 1.30 2.29
N VAL A 12 0.73 1.62 2.72
CA VAL A 12 1.85 2.14 1.87
C VAL A 12 2.43 0.93 1.09
N LYS A 13 2.26 0.87 -0.25
CA LYS A 13 3.03 -0.04 -1.18
C LYS A 13 2.69 -1.57 -0.96
N VAL A 14 1.49 -2.00 -1.44
CA VAL A 14 1.02 -3.43 -1.48
C VAL A 14 0.65 -3.86 -0.01
N GLN A 15 -0.58 -3.48 0.48
CA GLN A 15 -1.17 -3.93 1.79
C GLN A 15 -0.48 -3.12 3.00
N PRO A 16 0.03 -3.67 4.19
CA PRO A 16 1.08 -2.94 5.00
C PRO A 16 2.47 -2.73 4.30
N ILE A 17 3.46 -2.09 4.98
CA ILE A 17 4.43 -1.13 4.35
C ILE A 17 5.50 -1.99 3.57
N ALA A 18 5.48 -1.98 2.20
CA ALA A 18 6.58 -2.60 1.39
C ALA A 18 6.56 -4.15 1.32
N ARG A 19 5.55 -4.68 0.61
CA ARG A 19 5.32 -6.14 0.29
C ARG A 19 4.75 -6.93 1.52
N ARG A 20 3.59 -6.48 2.09
CA ARG A 20 2.83 -7.11 3.22
C ARG A 20 3.55 -6.75 4.56
N VAL A 21 4.18 -7.67 5.34
CA VAL A 21 4.49 -7.43 6.79
C VAL A 21 5.89 -6.73 6.95
N TYR A 22 5.97 -5.39 6.67
CA TYR A 22 7.10 -4.48 7.02
C TYR A 22 6.81 -3.91 8.41
N PRO A 1 -6.92 8.23 -1.82
CA PRO A 1 -5.58 7.95 -1.26
C PRO A 1 -4.49 8.72 -2.11
N GLN A 2 -3.29 8.16 -2.38
CA GLN A 2 -2.71 8.08 -3.75
C GLN A 2 -3.02 6.67 -4.32
N ASN A 3 -4.26 6.39 -4.83
CA ASN A 3 -4.63 5.14 -5.58
C ASN A 3 -4.81 3.91 -4.64
N ALA A 4 -6.07 3.46 -4.38
CA ALA A 4 -6.41 2.10 -3.83
C ALA A 4 -6.10 1.94 -2.30
N LYS A 5 -7.00 2.41 -1.41
CA LYS A 5 -6.84 2.39 0.08
C LYS A 5 -5.96 3.58 0.56
N LEU A 6 -4.61 3.40 0.48
CA LEU A 6 -3.52 4.17 1.13
C LEU A 6 -2.54 4.87 0.11
N LYS A 7 -1.39 4.22 -0.24
CA LYS A 7 -0.35 4.76 -1.17
C LYS A 7 -0.10 3.57 -2.14
N ILE A 8 -0.76 3.44 -3.32
CA ILE A 8 -0.34 2.45 -4.40
C ILE A 8 -0.73 1.00 -3.92
N LYS A 9 -2.00 0.53 -4.09
CA LYS A 9 -2.43 -0.87 -3.76
C LYS A 9 -2.44 -1.09 -2.21
N ARG A 10 -3.62 -0.91 -1.60
CA ARG A 10 -3.88 -1.11 -0.14
C ARG A 10 -3.33 0.04 0.82
N PRO A 11 -2.71 -0.15 2.05
CA PRO A 11 -1.60 0.72 2.62
C PRO A 11 -0.34 0.90 1.68
N VAL A 12 0.90 1.19 2.20
CA VAL A 12 2.04 1.79 1.43
C VAL A 12 2.64 0.65 0.53
N LYS A 13 2.43 0.75 -0.81
CA LYS A 13 3.02 -0.11 -1.87
C LYS A 13 2.72 -1.65 -1.72
N VAL A 14 1.46 -2.06 -2.05
CA VAL A 14 1.00 -3.49 -2.19
C VAL A 14 0.63 -3.98 -0.74
N GLN A 15 -0.60 -3.68 -0.23
CA GLN A 15 -1.08 -3.99 1.16
C GLN A 15 -0.28 -3.14 2.27
N PRO A 16 0.16 -3.56 3.55
CA PRO A 16 1.22 -2.82 4.33
C PRO A 16 2.66 -2.81 3.68
N ILE A 17 3.71 -2.33 4.41
CA ILE A 17 4.74 -1.37 3.89
C ILE A 17 5.75 -2.22 3.04
N ALA A 18 5.84 -1.96 1.70
CA ALA A 18 6.93 -2.42 0.79
C ALA A 18 6.86 -3.94 0.46
N ARG A 19 5.83 -4.37 -0.35
CA ARG A 19 5.56 -5.79 -0.77
C ARG A 19 4.97 -6.67 0.40
N ARG A 20 3.92 -6.18 1.11
CA ARG A 20 3.32 -6.88 2.29
C ARG A 20 4.28 -6.75 3.53
N VAL A 21 4.86 -7.85 4.06
CA VAL A 21 4.82 -8.04 5.56
C VAL A 21 6.12 -7.39 6.18
N TYR A 22 6.15 -6.03 6.32
CA TYR A 22 7.29 -5.20 6.82
C TYR A 22 7.16 -5.10 8.33
#